data_3KP3
#
_entry.id   3KP3
#
_cell.length_a   108.033
_cell.length_b   108.033
_cell.length_c   49.760
_cell.angle_alpha   90.00
_cell.angle_beta   90.00
_cell.angle_gamma   120.00
#
_symmetry.space_group_name_H-M   'P 61'
#
loop_
_entity.id
_entity.type
_entity.pdbx_description
1 polymer 'Transcriptional regulator TcaR'
2 non-polymer '(2S,5R,6R)-6-{[(2R)-2-AMINO-2-PHENYLETHANOYL]AMINO}-3,3-DIMETHYL-7-OXO-4-THIA-1-AZABICYCLO[3.2.0]HEPTANE-2-CARBOXYLIC ACID'
3 water water
#
_entity_poly.entity_id   1
_entity_poly.type   'polypeptide(L)'
_entity_poly.pdbx_seq_one_letter_code
;MVRRIEDHISFLEKFINDVNTLTAKLLKDLQTEYGISAEQSHVLNMLSIEALTVGQITEKQGVNKAAVSRRVKKLLNAEL
VKLEKPDSNTDQRLKIIKLSNKGKKYIKERKAIMSHIASDMTSDFDSKEIEKVRQVLEIIDYRIQSYTSKL
;
_entity_poly.pdbx_strand_id   A,B
#
# COMPACT_ATOMS: atom_id res chain seq x y z
N ARG A 4 -17.41 -16.67 0.14
CA ARG A 4 -16.80 -17.43 1.26
C ARG A 4 -15.34 -16.98 1.40
N ILE A 5 -14.69 -16.76 0.26
CA ILE A 5 -13.31 -16.33 0.25
C ILE A 5 -13.25 -14.80 0.10
N GLU A 6 -14.36 -14.21 -0.32
CA GLU A 6 -14.47 -12.77 -0.48
C GLU A 6 -14.17 -12.06 0.83
N ASP A 7 -14.53 -12.71 1.94
CA ASP A 7 -14.33 -12.16 3.27
C ASP A 7 -12.86 -11.91 3.57
N HIS A 8 -12.01 -12.89 3.29
CA HIS A 8 -10.58 -12.77 3.54
C HIS A 8 -9.91 -11.66 2.74
N ILE A 9 -10.39 -11.45 1.52
CA ILE A 9 -9.85 -10.41 0.65
C ILE A 9 -10.11 -9.03 1.22
N SER A 10 -11.37 -8.80 1.59
CA SER A 10 -11.75 -7.52 2.16
C SER A 10 -10.82 -7.17 3.32
N PHE A 11 -10.48 -8.18 4.12
CA PHE A 11 -9.60 -8.02 5.27
C PHE A 11 -8.18 -7.68 4.84
N LEU A 12 -7.63 -8.49 3.94
CA LEU A 12 -6.26 -8.26 3.46
C LEU A 12 -6.11 -6.81 3.02
N GLU A 13 -7.07 -6.32 2.25
CA GLU A 13 -7.05 -4.95 1.77
C GLU A 13 -7.07 -4.00 2.95
N LYS A 14 -7.99 -4.20 3.89
CA LYS A 14 -8.07 -3.32 5.06
C LYS A 14 -6.77 -3.37 5.86
N PHE A 15 -6.27 -4.57 6.10
CA PHE A 15 -5.03 -4.72 6.85
C PHE A 15 -3.93 -3.93 6.16
N ILE A 16 -3.93 -3.97 4.83
CA ILE A 16 -2.94 -3.24 4.07
C ILE A 16 -3.19 -1.76 4.21
N ASN A 17 -4.41 -1.34 3.92
CA ASN A 17 -4.78 0.07 4.02
C ASN A 17 -4.28 0.67 5.33
N ASP A 18 -4.52 -0.07 6.41
CA ASP A 18 -4.12 0.35 7.76
C ASP A 18 -2.60 0.42 7.91
N VAL A 19 -1.88 -0.48 7.25
CA VAL A 19 -0.42 -0.46 7.33
C VAL A 19 0.09 0.82 6.68
N ASN A 20 -0.50 1.16 5.54
CA ASN A 20 -0.09 2.34 4.82
C ASN A 20 -0.42 3.58 5.63
N THR A 21 -1.66 3.65 6.13
CA THR A 21 -2.07 4.79 6.94
C THR A 21 -1.02 4.99 8.03
N LEU A 22 -0.81 3.94 8.81
CA LEU A 22 0.14 3.96 9.92
C LEU A 22 1.55 4.41 9.54
N THR A 23 2.12 3.80 8.51
CA THR A 23 3.46 4.15 8.10
C THR A 23 3.48 5.62 7.70
N ALA A 24 2.47 6.00 6.95
CA ALA A 24 2.33 7.38 6.48
C ALA A 24 2.22 8.36 7.64
N LYS A 25 1.58 7.95 8.72
CA LYS A 25 1.41 8.82 9.88
C LYS A 25 2.70 8.89 10.67
N LEU A 26 3.36 7.76 10.81
CA LEU A 26 4.59 7.65 11.57
C LEU A 26 5.81 8.27 10.92
N LEU A 27 5.76 8.45 9.61
CA LEU A 27 6.91 9.01 8.92
C LEU A 27 6.75 10.48 8.52
N LYS A 28 5.53 11.00 8.61
CA LYS A 28 5.22 12.39 8.26
C LYS A 28 6.31 13.40 8.61
N ASP A 29 6.67 13.46 9.89
CA ASP A 29 7.69 14.39 10.34
C ASP A 29 9.09 14.06 9.86
N LEU A 30 9.40 12.78 9.70
CA LEU A 30 10.73 12.41 9.25
C LEU A 30 10.85 12.84 7.80
N GLN A 31 9.83 12.59 7.00
CA GLN A 31 9.85 12.98 5.61
C GLN A 31 9.93 14.49 5.56
N THR A 32 9.48 15.12 6.64
CA THR A 32 9.52 16.56 6.73
C THR A 32 10.92 16.94 7.21
N GLU A 33 11.37 16.33 8.30
CA GLU A 33 12.69 16.60 8.88
C GLU A 33 13.82 16.53 7.84
N TYR A 34 13.64 15.71 6.83
CA TYR A 34 14.63 15.59 5.77
C TYR A 34 14.19 16.47 4.62
N GLY A 35 12.87 16.60 4.45
CA GLY A 35 12.33 17.43 3.40
C GLY A 35 11.95 16.72 2.11
N ILE A 36 11.19 15.65 2.23
CA ILE A 36 10.76 14.90 1.07
C ILE A 36 9.29 14.54 1.21
N SER A 37 8.71 14.08 0.11
CA SER A 37 7.31 13.67 0.11
C SER A 37 7.33 12.15 0.20
N ALA A 38 6.21 11.56 0.61
CA ALA A 38 6.12 10.11 0.71
C ALA A 38 6.56 9.51 -0.62
N GLU A 39 6.12 10.13 -1.70
CA GLU A 39 6.44 9.69 -3.03
C GLU A 39 7.95 9.53 -3.13
N GLN A 40 8.66 10.61 -2.82
CA GLN A 40 10.12 10.59 -2.87
C GLN A 40 10.65 9.59 -1.86
N SER A 41 9.94 9.46 -0.74
CA SER A 41 10.36 8.54 0.30
C SER A 41 10.19 7.08 -0.10
N HIS A 42 9.17 6.76 -0.89
CA HIS A 42 8.99 5.38 -1.30
C HIS A 42 10.12 5.00 -2.23
N VAL A 43 10.60 5.97 -3.00
CA VAL A 43 11.70 5.75 -3.93
C VAL A 43 12.94 5.26 -3.20
N LEU A 44 13.27 5.92 -2.09
CA LEU A 44 14.45 5.56 -1.31
C LEU A 44 14.38 4.15 -0.74
N ASN A 45 13.16 3.71 -0.41
CA ASN A 45 12.97 2.38 0.15
C ASN A 45 13.16 1.28 -0.88
N MET A 46 12.91 1.58 -2.14
CA MET A 46 13.10 0.60 -3.21
C MET A 46 14.57 0.59 -3.57
N LEU A 47 15.33 1.45 -2.91
CA LEU A 47 16.77 1.55 -3.13
C LEU A 47 17.47 1.12 -1.87
N SER A 48 16.71 0.92 -0.80
CA SER A 48 17.27 0.47 0.47
C SER A 48 17.59 -1.01 0.25
N ILE A 49 16.79 -1.62 -0.63
CA ILE A 49 16.94 -3.02 -0.99
C ILE A 49 18.02 -3.23 -2.04
N GLU A 50 18.09 -2.32 -3.02
CA GLU A 50 19.07 -2.47 -4.09
C GLU A 50 19.30 -1.19 -4.91
N ALA A 51 19.57 -1.40 -6.19
CA ALA A 51 19.81 -0.32 -7.14
C ALA A 51 18.68 -0.35 -8.15
N LEU A 52 18.72 0.56 -9.11
CA LEU A 52 17.70 0.61 -10.17
C LEU A 52 17.83 1.81 -11.10
N THR A 53 17.42 1.59 -12.34
CA THR A 53 17.44 2.63 -13.35
C THR A 53 16.05 3.25 -13.34
N VAL A 54 15.67 3.85 -14.47
CA VAL A 54 14.36 4.50 -14.58
C VAL A 54 13.27 3.47 -14.85
N GLY A 55 13.38 2.78 -15.98
CA GLY A 55 12.40 1.78 -16.36
C GLY A 55 12.02 0.78 -15.28
N GLN A 56 12.94 0.54 -14.36
CA GLN A 56 12.70 -0.40 -13.28
C GLN A 56 11.79 0.20 -12.22
N ILE A 57 12.20 1.35 -11.69
CA ILE A 57 11.40 2.03 -10.68
C ILE A 57 10.08 2.49 -11.30
N THR A 58 10.10 2.72 -12.61
CA THR A 58 8.92 3.16 -13.33
C THR A 58 8.00 1.97 -13.59
N GLU A 59 8.53 0.76 -13.46
CA GLU A 59 7.72 -0.42 -13.71
C GLU A 59 7.17 -1.09 -12.46
N LYS A 60 8.03 -1.37 -11.47
CA LYS A 60 7.53 -2.02 -10.26
C LYS A 60 6.39 -1.21 -9.66
N GLN A 61 6.60 0.08 -9.43
CA GLN A 61 5.50 0.90 -8.93
C GLN A 61 4.59 0.92 -10.15
N GLY A 62 5.20 1.22 -11.29
CA GLY A 62 4.49 1.26 -12.56
C GLY A 62 3.81 2.57 -12.92
N VAL A 63 3.90 3.56 -12.04
CA VAL A 63 3.26 4.83 -12.28
C VAL A 63 3.90 5.65 -13.40
N ASN A 64 3.16 6.64 -13.88
CA ASN A 64 3.58 7.54 -14.96
C ASN A 64 5.08 7.67 -15.21
N LYS A 65 5.49 7.29 -16.42
CA LYS A 65 6.89 7.37 -16.83
C LYS A 65 7.53 8.67 -16.33
N ALA A 66 6.89 9.78 -16.64
CA ALA A 66 7.38 11.09 -16.25
C ALA A 66 7.42 11.28 -14.74
N ALA A 67 6.32 10.96 -14.06
CA ALA A 67 6.24 11.11 -12.62
C ALA A 67 7.45 10.48 -11.93
N VAL A 68 7.73 9.21 -12.26
CA VAL A 68 8.88 8.50 -11.69
C VAL A 68 10.16 9.27 -11.95
N SER A 69 10.21 9.92 -13.11
CA SER A 69 11.37 10.69 -13.50
C SER A 69 11.50 11.97 -12.68
N ARG A 70 10.46 12.78 -12.66
CA ARG A 70 10.51 14.06 -11.95
C ARG A 70 10.87 13.98 -10.47
N ARG A 71 10.47 12.91 -9.79
CA ARG A 71 10.81 12.78 -8.38
C ARG A 71 12.28 12.37 -8.24
N VAL A 72 12.73 11.55 -9.18
CA VAL A 72 14.12 11.10 -9.18
C VAL A 72 15.08 12.29 -9.22
N LYS A 73 14.83 13.19 -10.18
CA LYS A 73 15.67 14.37 -10.37
C LYS A 73 15.72 15.25 -9.12
N LYS A 74 14.64 15.24 -8.34
CA LYS A 74 14.57 16.04 -7.12
C LYS A 74 15.40 15.37 -6.04
N LEU A 75 15.40 14.04 -6.06
CA LEU A 75 16.13 13.25 -5.09
C LEU A 75 17.63 13.36 -5.32
N LEU A 76 17.99 13.84 -6.50
CA LEU A 76 19.39 14.02 -6.84
C LEU A 76 19.90 15.29 -6.14
N ASN A 77 19.07 16.32 -6.17
CA ASN A 77 19.43 17.60 -5.56
C ASN A 77 19.66 17.57 -4.05
N ALA A 78 18.90 16.75 -3.34
CA ALA A 78 19.07 16.66 -1.88
C ALA A 78 20.22 15.69 -1.57
N GLU A 79 20.68 14.98 -2.61
CA GLU A 79 21.76 14.02 -2.52
C GLU A 79 21.54 12.88 -1.54
N LEU A 80 20.46 12.15 -1.81
CA LEU A 80 20.05 10.99 -1.04
C LEU A 80 20.04 9.88 -2.08
N VAL A 81 20.54 10.22 -3.26
CA VAL A 81 20.60 9.31 -4.38
C VAL A 81 21.79 9.55 -5.31
N LYS A 82 22.60 8.52 -5.50
CA LYS A 82 23.76 8.61 -6.37
C LYS A 82 23.44 7.94 -7.70
N LEU A 83 24.01 8.47 -8.78
CA LEU A 83 23.77 7.96 -10.12
C LEU A 83 24.75 6.86 -10.52
N ILE A 96 20.78 2.51 -12.69
CA ILE A 96 21.81 3.59 -12.67
C ILE A 96 21.46 4.67 -11.64
N ILE A 97 20.90 4.21 -10.52
CA ILE A 97 20.50 5.08 -9.41
C ILE A 97 20.67 4.28 -8.11
N LYS A 98 21.40 4.85 -7.14
CA LYS A 98 21.65 4.17 -5.87
C LYS A 98 21.33 5.08 -4.67
N LEU A 99 21.93 4.80 -3.52
CA LEU A 99 21.72 5.60 -2.31
C LEU A 99 22.94 6.47 -2.04
N SER A 100 23.00 7.04 -0.85
CA SER A 100 24.12 7.89 -0.47
C SER A 100 24.33 7.84 1.04
N ASN A 101 25.36 8.51 1.53
CA ASN A 101 25.63 8.53 2.96
C ASN A 101 24.42 9.09 3.67
N LYS A 102 23.88 10.17 3.11
CA LYS A 102 22.70 10.81 3.67
C LYS A 102 21.50 9.91 3.40
N GLY A 103 21.50 9.25 2.26
CA GLY A 103 20.41 8.36 1.92
C GLY A 103 20.35 7.19 2.86
N LYS A 104 21.50 6.54 3.04
CA LYS A 104 21.60 5.40 3.94
C LYS A 104 21.12 5.77 5.33
N LYS A 105 21.46 7.00 5.75
CA LYS A 105 21.07 7.50 7.07
C LYS A 105 19.57 7.63 7.28
N TYR A 106 18.87 8.18 6.29
CA TYR A 106 17.44 8.36 6.38
C TYR A 106 16.76 7.04 6.72
N ILE A 107 16.99 6.03 5.88
CA ILE A 107 16.40 4.71 6.05
C ILE A 107 16.64 4.13 7.45
N LYS A 108 17.90 4.12 7.88
CA LYS A 108 18.23 3.64 9.21
C LYS A 108 17.15 4.17 10.15
N GLU A 109 17.01 5.50 10.16
CA GLU A 109 16.03 6.17 11.00
C GLU A 109 14.62 5.68 10.69
N ARG A 110 14.30 5.55 9.41
CA ARG A 110 12.98 5.06 8.98
C ARG A 110 12.72 3.68 9.58
N LYS A 111 13.70 2.80 9.47
CA LYS A 111 13.59 1.45 9.99
C LYS A 111 13.52 1.44 11.50
N ALA A 112 14.22 2.38 12.13
CA ALA A 112 14.21 2.48 13.59
C ALA A 112 12.79 2.48 14.11
N ILE A 113 12.05 3.51 13.72
CA ILE A 113 10.67 3.68 14.14
C ILE A 113 9.77 2.48 13.85
N MET A 114 9.71 2.10 12.58
CA MET A 114 8.90 0.98 12.16
C MET A 114 9.04 -0.22 13.09
N SER A 115 10.21 -0.84 13.07
CA SER A 115 10.49 -2.00 13.89
C SER A 115 10.15 -1.79 15.36
N HIS A 116 10.59 -0.67 15.92
CA HIS A 116 10.30 -0.41 17.32
C HIS A 116 8.82 -0.46 17.64
N ILE A 117 7.98 -0.19 16.65
CA ILE A 117 6.53 -0.22 16.85
C ILE A 117 6.00 -1.62 16.63
N ALA A 118 6.32 -2.19 15.47
CA ALA A 118 5.88 -3.53 15.14
C ALA A 118 6.27 -4.48 16.26
N SER A 119 7.48 -4.32 16.77
CA SER A 119 7.94 -5.17 17.86
C SER A 119 7.00 -4.99 19.03
N ASP A 120 6.97 -3.78 19.58
CA ASP A 120 6.07 -3.48 20.69
C ASP A 120 4.66 -3.98 20.41
N MET A 121 4.28 -3.94 19.14
CA MET A 121 2.95 -4.33 18.73
C MET A 121 2.81 -5.82 18.43
N THR A 122 3.86 -6.58 18.69
CA THR A 122 3.80 -8.00 18.40
C THR A 122 4.59 -8.83 19.41
N SER A 123 5.31 -8.14 20.28
CA SER A 123 6.13 -8.78 21.31
C SER A 123 5.34 -9.42 22.45
N ASP A 124 4.35 -10.23 22.10
CA ASP A 124 3.53 -10.91 23.08
C ASP A 124 2.96 -12.12 22.38
N PHE A 125 3.24 -12.18 21.08
CA PHE A 125 2.77 -13.28 20.27
C PHE A 125 3.72 -14.46 20.44
N ASP A 126 3.23 -15.64 20.08
CA ASP A 126 3.99 -16.86 20.17
C ASP A 126 4.84 -17.08 18.94
N SER A 127 6.16 -17.05 19.13
CA SER A 127 7.10 -17.24 18.03
C SER A 127 6.49 -18.04 16.88
N LYS A 128 5.85 -19.15 17.23
CA LYS A 128 5.23 -20.04 16.26
C LYS A 128 4.06 -19.38 15.52
N GLU A 129 3.18 -18.70 16.26
CA GLU A 129 2.02 -18.04 15.65
C GLU A 129 2.45 -17.09 14.52
N ILE A 130 3.44 -16.26 14.81
CA ILE A 130 3.95 -15.29 13.86
C ILE A 130 4.49 -15.95 12.60
N GLU A 131 5.52 -16.78 12.78
CA GLU A 131 6.13 -17.50 11.68
C GLU A 131 5.07 -18.12 10.78
N LYS A 132 4.11 -18.81 11.38
CA LYS A 132 3.04 -19.43 10.61
C LYS A 132 2.33 -18.42 9.71
N VAL A 133 2.38 -17.15 10.12
CA VAL A 133 1.76 -16.06 9.36
C VAL A 133 2.66 -15.71 8.19
N ARG A 134 3.95 -15.55 8.50
CA ARG A 134 4.97 -15.21 7.53
C ARG A 134 5.02 -16.24 6.40
N GLN A 135 4.82 -17.52 6.76
CA GLN A 135 4.86 -18.63 5.81
C GLN A 135 3.66 -18.67 4.88
N VAL A 136 2.50 -18.26 5.39
CA VAL A 136 1.30 -18.24 4.58
C VAL A 136 1.33 -16.99 3.73
N LEU A 137 2.08 -15.99 4.19
CA LEU A 137 2.20 -14.75 3.44
C LEU A 137 3.32 -14.90 2.41
N GLU A 138 4.33 -15.70 2.74
CA GLU A 138 5.43 -15.94 1.81
C GLU A 138 4.94 -16.74 0.60
N ILE A 139 4.15 -17.77 0.84
CA ILE A 139 3.65 -18.58 -0.27
C ILE A 139 2.72 -17.80 -1.15
N ILE A 140 1.97 -16.88 -0.56
CA ILE A 140 1.03 -16.05 -1.31
C ILE A 140 1.81 -15.03 -2.14
N ASP A 141 2.87 -14.47 -1.56
CA ASP A 141 3.68 -13.52 -2.30
C ASP A 141 4.33 -14.29 -3.46
N TYR A 142 4.83 -15.48 -3.15
CA TYR A 142 5.47 -16.34 -4.14
C TYR A 142 4.57 -16.57 -5.34
N ARG A 143 3.29 -16.81 -5.09
CA ARG A 143 2.34 -17.04 -6.16
C ARG A 143 2.02 -15.74 -6.87
N ILE A 144 1.79 -14.68 -6.08
CA ILE A 144 1.50 -13.37 -6.63
C ILE A 144 2.55 -13.02 -7.69
N GLN A 145 3.81 -13.07 -7.27
CA GLN A 145 4.95 -12.75 -8.12
C GLN A 145 5.01 -13.58 -9.38
N SER A 146 4.83 -14.89 -9.22
CA SER A 146 4.86 -15.80 -10.35
C SER A 146 3.77 -15.43 -11.33
N TYR A 147 2.57 -15.18 -10.83
CA TYR A 147 1.44 -14.80 -11.67
C TYR A 147 1.74 -13.50 -12.38
N THR A 148 2.29 -12.54 -11.65
CA THR A 148 2.63 -11.25 -12.23
C THR A 148 3.57 -11.51 -13.41
N SER A 149 4.74 -12.06 -13.12
CA SER A 149 5.75 -12.36 -14.13
C SER A 149 5.21 -12.88 -15.45
N LYS A 150 3.96 -13.37 -15.44
CA LYS A 150 3.35 -13.84 -16.67
C LYS A 150 2.73 -12.63 -17.38
N LEU A 151 3.31 -11.45 -17.11
CA LEU A 151 2.88 -10.16 -17.65
C LEU A 151 1.36 -10.09 -17.89
N ILE B 5 12.90 -11.23 12.60
CA ILE B 5 12.46 -10.25 13.64
C ILE B 5 12.25 -8.85 13.06
N GLU B 6 12.76 -8.63 11.85
CA GLU B 6 12.65 -7.33 11.19
C GLU B 6 12.55 -7.46 9.67
N ASP B 7 12.88 -8.64 9.17
CA ASP B 7 12.76 -8.87 7.74
C ASP B 7 11.31 -9.26 7.55
N HIS B 8 10.53 -9.08 8.62
CA HIS B 8 9.09 -9.33 8.63
C HIS B 8 8.54 -8.01 8.12
N ILE B 9 9.17 -6.96 8.60
CA ILE B 9 8.87 -5.57 8.26
C ILE B 9 9.32 -5.33 6.84
N SER B 10 10.37 -6.04 6.45
CA SER B 10 10.93 -5.95 5.12
C SER B 10 10.09 -6.80 4.18
N PHE B 11 9.63 -7.95 4.67
CA PHE B 11 8.80 -8.86 3.88
C PHE B 11 7.48 -8.17 3.62
N LEU B 12 6.91 -7.63 4.69
CA LEU B 12 5.63 -6.93 4.61
C LEU B 12 5.63 -5.93 3.48
N GLU B 13 6.61 -5.03 3.45
CA GLU B 13 6.71 -4.04 2.39
C GLU B 13 6.68 -4.79 1.09
N LYS B 14 7.71 -5.59 0.85
CA LYS B 14 7.81 -6.40 -0.36
C LYS B 14 6.46 -7.02 -0.70
N PHE B 15 5.91 -7.76 0.25
CA PHE B 15 4.63 -8.41 0.05
C PHE B 15 3.58 -7.36 -0.36
N ILE B 16 3.55 -6.22 0.31
CA ILE B 16 2.59 -5.19 -0.03
C ILE B 16 2.90 -4.64 -1.40
N ASN B 17 4.17 -4.39 -1.65
CA ASN B 17 4.58 -3.90 -2.95
C ASN B 17 3.96 -4.81 -3.98
N ASP B 18 4.42 -6.06 -3.97
CA ASP B 18 3.92 -7.06 -4.90
C ASP B 18 2.40 -7.06 -5.11
N VAL B 19 1.63 -6.95 -4.03
CA VAL B 19 0.19 -6.94 -4.17
C VAL B 19 -0.21 -5.71 -4.96
N ASN B 20 0.34 -4.56 -4.59
CA ASN B 20 0.02 -3.32 -5.26
C ASN B 20 0.32 -3.49 -6.74
N THR B 21 1.55 -3.89 -7.03
CA THR B 21 1.99 -4.10 -8.40
C THR B 21 0.99 -4.94 -9.21
N LEU B 22 0.64 -6.12 -8.69
CA LEU B 22 -0.29 -7.00 -9.38
C LEU B 22 -1.69 -6.43 -9.52
N THR B 23 -2.16 -5.72 -8.50
CA THR B 23 -3.49 -5.15 -8.53
C THR B 23 -3.62 -4.05 -9.57
N ALA B 24 -2.62 -3.18 -9.60
CA ALA B 24 -2.59 -2.09 -10.55
C ALA B 24 -2.77 -2.68 -11.93
N LYS B 25 -1.88 -3.60 -12.30
CA LYS B 25 -1.90 -4.27 -13.60
C LYS B 25 -3.22 -4.99 -13.88
N LEU B 26 -3.75 -5.66 -12.86
CA LEU B 26 -5.01 -6.38 -13.00
C LEU B 26 -6.16 -5.45 -13.29
N LEU B 27 -6.16 -4.30 -12.63
CA LEU B 27 -7.24 -3.33 -12.77
C LEU B 27 -6.99 -2.22 -13.79
N LYS B 28 -6.09 -2.49 -14.73
CA LYS B 28 -5.71 -1.54 -15.78
C LYS B 28 -6.86 -1.16 -16.70
N ASP B 29 -7.54 -2.15 -17.27
CA ASP B 29 -8.63 -1.88 -18.18
C ASP B 29 -9.87 -1.35 -17.48
N LEU B 30 -10.22 -1.96 -16.36
CA LEU B 30 -11.39 -1.56 -15.61
C LEU B 30 -11.39 -0.07 -15.26
N GLN B 31 -10.19 0.49 -15.13
CA GLN B 31 -10.00 1.90 -14.81
C GLN B 31 -10.09 2.77 -16.06
N THR B 32 -9.36 2.38 -17.10
CA THR B 32 -9.37 3.13 -18.36
C THR B 32 -10.80 3.30 -18.80
N GLU B 33 -11.55 2.21 -18.66
CA GLU B 33 -12.96 2.16 -19.04
C GLU B 33 -13.79 3.21 -18.32
N TYR B 34 -13.43 3.52 -17.07
CA TYR B 34 -14.16 4.53 -16.31
C TYR B 34 -13.39 5.84 -16.35
N GLY B 35 -12.29 5.84 -17.09
CA GLY B 35 -11.45 7.02 -17.23
C GLY B 35 -10.85 7.54 -15.94
N ILE B 36 -10.56 6.63 -15.02
CA ILE B 36 -9.99 7.02 -13.73
C ILE B 36 -8.51 6.66 -13.63
N SER B 37 -7.86 7.23 -12.61
CA SER B 37 -6.45 6.97 -12.37
C SER B 37 -6.35 5.87 -11.35
N ALA B 38 -5.12 5.51 -10.99
CA ALA B 38 -4.89 4.45 -10.01
C ALA B 38 -5.27 4.93 -8.62
N GLU B 39 -5.03 6.21 -8.34
CA GLU B 39 -5.37 6.80 -7.05
C GLU B 39 -6.86 7.11 -7.01
N GLN B 40 -7.39 7.61 -8.12
CA GLN B 40 -8.81 7.90 -8.19
C GLN B 40 -9.46 6.56 -7.85
N SER B 41 -8.82 5.51 -8.34
CA SER B 41 -9.26 4.15 -8.11
C SER B 41 -9.20 3.78 -6.64
N HIS B 42 -8.03 3.98 -6.03
CA HIS B 42 -7.88 3.67 -4.63
C HIS B 42 -8.90 4.42 -3.79
N VAL B 43 -8.77 5.74 -3.74
CA VAL B 43 -9.72 6.55 -3.00
C VAL B 43 -11.07 5.89 -3.12
N LEU B 44 -11.40 5.46 -4.33
CA LEU B 44 -12.65 4.80 -4.60
C LEU B 44 -12.71 3.51 -3.77
N ASN B 45 -11.63 2.74 -3.85
CA ASN B 45 -11.49 1.49 -3.11
C ASN B 45 -11.34 1.79 -1.62
N MET B 46 -10.70 2.92 -1.33
CA MET B 46 -10.44 3.39 0.03
C MET B 46 -11.72 3.96 0.66
N LEU B 47 -12.73 4.16 -0.19
CA LEU B 47 -14.02 4.70 0.23
C LEU B 47 -15.11 3.66 0.34
N SER B 48 -14.80 2.43 -0.08
CA SER B 48 -15.78 1.35 -0.01
C SER B 48 -15.86 0.94 1.45
N ILE B 49 -14.90 1.42 2.24
CA ILE B 49 -14.82 1.10 3.65
C ILE B 49 -15.63 2.05 4.53
N GLU B 50 -15.43 3.34 4.32
CA GLU B 50 -16.12 4.34 5.12
C GLU B 50 -16.13 5.72 4.48
N ALA B 51 -17.13 6.54 4.86
CA ALA B 51 -17.28 7.89 4.33
C ALA B 51 -16.21 8.83 4.89
N LEU B 52 -15.36 9.33 4.00
CA LEU B 52 -14.29 10.24 4.40
C LEU B 52 -14.46 11.66 3.89
N THR B 53 -13.54 12.51 4.32
CA THR B 53 -13.48 13.91 3.95
C THR B 53 -12.10 14.08 3.33
N VAL B 54 -11.93 15.04 2.41
CA VAL B 54 -10.65 15.26 1.76
C VAL B 54 -9.51 15.28 2.79
N GLY B 55 -9.80 15.82 3.97
CA GLY B 55 -8.79 15.86 5.00
C GLY B 55 -8.52 14.45 5.49
N GLN B 56 -9.59 13.72 5.81
CA GLN B 56 -9.47 12.36 6.27
C GLN B 56 -8.67 11.51 5.28
N ILE B 57 -8.88 11.75 3.99
CA ILE B 57 -8.20 10.99 2.94
C ILE B 57 -6.73 11.37 2.74
N THR B 58 -6.41 12.66 2.77
CA THR B 58 -5.04 13.12 2.58
C THR B 58 -4.15 12.53 3.67
N GLU B 59 -4.66 12.55 4.89
CA GLU B 59 -3.97 12.04 6.06
C GLU B 59 -3.76 10.52 5.90
N LYS B 60 -4.87 9.82 5.71
CA LYS B 60 -4.90 8.38 5.54
C LYS B 60 -4.01 7.91 4.38
N GLN B 61 -3.77 8.80 3.42
CA GLN B 61 -2.99 8.47 2.23
C GLN B 61 -1.60 9.05 2.20
N GLY B 62 -1.32 10.01 3.08
CA GLY B 62 -0.01 10.61 3.10
C GLY B 62 0.49 11.15 1.76
N VAL B 63 -0.06 12.29 1.33
CA VAL B 63 0.33 12.96 0.09
C VAL B 63 -0.15 14.41 0.13
N ASN B 64 -0.01 15.14 -0.98
CA ASN B 64 -0.42 16.54 -1.00
C ASN B 64 -1.93 16.77 -1.13
N LYS B 65 -2.47 17.50 -0.16
CA LYS B 65 -3.88 17.84 -0.08
C LYS B 65 -4.44 18.32 -1.41
N ALA B 66 -3.64 19.11 -2.12
CA ALA B 66 -4.05 19.66 -3.42
C ALA B 66 -4.40 18.53 -4.37
N ALA B 67 -3.53 17.53 -4.41
CA ALA B 67 -3.73 16.36 -5.28
C ALA B 67 -5.02 15.64 -4.90
N VAL B 68 -5.18 15.39 -3.60
CA VAL B 68 -6.36 14.71 -3.07
C VAL B 68 -7.64 15.46 -3.42
N SER B 69 -7.51 16.79 -3.56
CA SER B 69 -8.65 17.65 -3.88
C SER B 69 -9.23 17.39 -5.26
N ARG B 70 -8.39 17.38 -6.28
CA ARG B 70 -8.85 17.13 -7.64
C ARG B 70 -9.30 15.70 -7.82
N ARG B 71 -8.44 14.75 -7.45
CA ARG B 71 -8.80 13.34 -7.58
C ARG B 71 -10.21 13.19 -7.00
N VAL B 72 -10.47 13.89 -5.91
CA VAL B 72 -11.77 13.85 -5.25
C VAL B 72 -12.92 14.44 -6.07
N LYS B 73 -12.79 15.70 -6.45
CA LYS B 73 -13.83 16.37 -7.24
C LYS B 73 -14.00 15.75 -8.62
N LYS B 74 -12.93 15.19 -9.17
CA LYS B 74 -12.99 14.54 -10.46
C LYS B 74 -13.89 13.32 -10.35
N LEU B 75 -14.15 12.89 -9.12
CA LEU B 75 -15.00 11.75 -8.90
C LEU B 75 -16.43 12.21 -8.74
N LEU B 76 -16.62 13.47 -8.36
CA LEU B 76 -17.97 14.02 -8.23
C LEU B 76 -18.46 14.27 -9.64
N ASN B 77 -17.64 14.97 -10.39
CA ASN B 77 -17.92 15.31 -11.77
C ASN B 77 -18.17 14.09 -12.64
N ALA B 78 -17.67 12.93 -12.21
CA ALA B 78 -17.84 11.71 -12.97
C ALA B 78 -18.94 10.87 -12.32
N GLU B 79 -19.59 11.45 -11.32
CA GLU B 79 -20.67 10.77 -10.60
C GLU B 79 -20.32 9.37 -10.13
N LEU B 80 -19.17 9.24 -9.48
CA LEU B 80 -18.71 7.97 -8.94
C LEU B 80 -18.80 8.01 -7.42
N VAL B 81 -18.61 9.19 -6.86
CA VAL B 81 -18.67 9.42 -5.41
C VAL B 81 -19.62 10.59 -5.18
N LYS B 82 -20.21 10.68 -3.99
CA LYS B 82 -21.13 11.79 -3.71
C LYS B 82 -20.97 12.45 -2.34
N LEU B 83 -21.89 13.34 -2.00
CA LEU B 83 -21.84 14.05 -0.73
C LEU B 83 -22.86 13.61 0.31
N GLU B 84 -22.67 14.10 1.53
CA GLU B 84 -23.53 13.82 2.69
C GLU B 84 -24.71 12.89 2.46
N LYS B 95 -21.48 17.28 3.85
CA LYS B 95 -20.27 16.74 4.53
C LYS B 95 -20.35 15.27 4.50
N ILE B 96 -19.22 14.58 4.43
CA ILE B 96 -19.21 13.17 4.36
C ILE B 96 -19.25 12.61 2.93
N ILE B 97 -18.08 12.20 2.43
CA ILE B 97 -17.93 11.64 1.09
C ILE B 97 -18.23 10.13 0.99
N LYS B 98 -19.32 9.81 0.32
CA LYS B 98 -19.76 8.43 0.10
C LYS B 98 -19.65 8.08 -1.38
N LEU B 99 -19.99 6.84 -1.73
CA LEU B 99 -19.91 6.34 -3.12
C LEU B 99 -21.23 6.29 -3.88
N SER B 100 -21.16 6.59 -5.17
CA SER B 100 -22.33 6.58 -6.06
C SER B 100 -22.48 5.19 -6.65
N ASN B 101 -23.71 4.83 -7.01
CA ASN B 101 -23.99 3.52 -7.57
C ASN B 101 -23.12 3.14 -8.75
N LYS B 102 -22.75 4.13 -9.58
CA LYS B 102 -21.85 3.86 -10.70
C LYS B 102 -20.57 3.41 -10.02
N GLY B 103 -20.17 4.18 -9.02
CA GLY B 103 -18.96 3.89 -8.28
C GLY B 103 -19.00 2.51 -7.65
N LYS B 104 -20.19 2.02 -7.33
CA LYS B 104 -20.31 0.69 -6.75
C LYS B 104 -19.99 -0.35 -7.81
N LYS B 105 -20.75 -0.33 -8.91
CA LYS B 105 -20.52 -1.28 -10.00
C LYS B 105 -19.04 -1.44 -10.25
N TYR B 106 -18.27 -0.38 -9.96
CA TYR B 106 -16.83 -0.43 -10.17
C TYR B 106 -16.20 -1.36 -9.14
N ILE B 107 -16.44 -1.09 -7.86
CA ILE B 107 -15.90 -1.90 -6.78
C ILE B 107 -16.38 -3.35 -6.93
N LYS B 108 -17.56 -3.54 -7.50
CA LYS B 108 -18.11 -4.88 -7.71
C LYS B 108 -17.25 -5.60 -8.73
N GLU B 109 -16.91 -4.90 -9.81
CA GLU B 109 -16.08 -5.50 -10.85
C GLU B 109 -14.64 -5.57 -10.36
N ARG B 110 -14.35 -4.98 -9.21
CA ARG B 110 -13.00 -5.05 -8.66
C ARG B 110 -12.88 -6.34 -7.88
N LYS B 111 -13.87 -6.59 -7.02
CA LYS B 111 -13.88 -7.83 -6.26
C LYS B 111 -13.87 -8.93 -7.31
N ALA B 112 -14.87 -8.90 -8.17
CA ALA B 112 -15.03 -9.87 -9.25
C ALA B 112 -13.73 -10.31 -9.90
N ILE B 113 -12.80 -9.38 -10.09
CA ILE B 113 -11.53 -9.70 -10.71
C ILE B 113 -10.56 -10.19 -9.64
N MET B 114 -10.44 -9.43 -8.57
CA MET B 114 -9.56 -9.80 -7.49
C MET B 114 -9.83 -11.22 -7.01
N SER B 115 -11.08 -11.50 -6.70
CA SER B 115 -11.48 -12.82 -6.21
C SER B 115 -11.18 -14.01 -7.12
N HIS B 116 -11.14 -13.80 -8.43
CA HIS B 116 -10.88 -14.91 -9.34
C HIS B 116 -9.44 -15.40 -9.26
N ILE B 117 -8.48 -14.49 -9.33
CA ILE B 117 -7.08 -14.86 -9.28
C ILE B 117 -6.72 -15.15 -7.82
N ALA B 118 -7.44 -14.50 -6.92
CA ALA B 118 -7.21 -14.67 -5.49
C ALA B 118 -7.42 -16.12 -5.09
N SER B 119 -8.57 -16.69 -5.44
CA SER B 119 -8.87 -18.06 -5.08
C SER B 119 -8.00 -19.09 -5.82
N ASP B 120 -7.41 -18.69 -6.94
CA ASP B 120 -6.56 -19.61 -7.68
C ASP B 120 -5.36 -19.96 -6.78
N MET B 121 -4.73 -18.93 -6.24
CA MET B 121 -3.56 -19.12 -5.39
C MET B 121 -3.95 -19.62 -4.01
N THR B 122 -5.23 -19.84 -3.79
CA THR B 122 -5.67 -20.27 -2.47
C THR B 122 -6.52 -21.53 -2.48
N SER B 123 -6.62 -22.15 -3.64
CA SER B 123 -7.41 -23.36 -3.86
C SER B 123 -7.06 -24.55 -2.96
N ASP B 124 -5.81 -24.61 -2.53
CA ASP B 124 -5.31 -25.70 -1.71
C ASP B 124 -4.87 -25.31 -0.30
N PHE B 125 -5.53 -24.32 0.28
CA PHE B 125 -5.20 -23.88 1.62
C PHE B 125 -6.07 -24.55 2.69
N ASP B 126 -5.45 -24.92 3.79
CA ASP B 126 -6.15 -25.56 4.91
C ASP B 126 -7.04 -24.49 5.50
N SER B 127 -8.27 -24.40 5.01
CA SER B 127 -9.22 -23.40 5.49
C SER B 127 -9.12 -23.12 6.99
N LYS B 128 -8.65 -24.10 7.75
CA LYS B 128 -8.50 -23.92 9.19
C LYS B 128 -7.16 -23.23 9.47
N GLU B 129 -6.11 -23.68 8.79
CA GLU B 129 -4.80 -23.07 8.98
C GLU B 129 -4.91 -21.58 8.70
N ILE B 130 -5.81 -21.22 7.79
CA ILE B 130 -6.02 -19.82 7.42
C ILE B 130 -6.78 -19.07 8.53
N GLU B 131 -7.78 -19.71 9.12
CA GLU B 131 -8.51 -19.06 10.20
C GLU B 131 -7.49 -18.56 11.21
N LYS B 132 -6.65 -19.47 11.72
CA LYS B 132 -5.63 -19.11 12.71
C LYS B 132 -4.77 -17.92 12.28
N VAL B 133 -4.43 -17.89 11.00
CA VAL B 133 -3.60 -16.84 10.45
C VAL B 133 -4.30 -15.51 10.56
N ARG B 134 -5.57 -15.50 10.20
CA ARG B 134 -6.35 -14.28 10.22
C ARG B 134 -6.53 -13.70 11.60
N GLN B 135 -6.68 -14.58 12.60
CA GLN B 135 -6.87 -14.13 13.96
C GLN B 135 -5.71 -13.23 14.35
N VAL B 136 -4.50 -13.70 14.07
CA VAL B 136 -3.29 -12.96 14.39
C VAL B 136 -3.28 -11.62 13.66
N LEU B 137 -3.50 -11.65 12.35
CA LEU B 137 -3.53 -10.42 11.56
C LEU B 137 -4.62 -9.48 12.02
N GLU B 138 -5.80 -10.03 12.32
CA GLU B 138 -6.92 -9.22 12.80
C GLU B 138 -6.48 -8.53 14.07
N ILE B 139 -5.84 -9.25 14.98
CA ILE B 139 -5.40 -8.63 16.23
C ILE B 139 -4.34 -7.58 15.95
N ILE B 140 -3.50 -7.81 14.94
CA ILE B 140 -2.48 -6.82 14.62
C ILE B 140 -3.20 -5.65 13.97
N ASP B 141 -4.22 -5.95 13.19
CA ASP B 141 -5.00 -4.91 12.52
C ASP B 141 -5.62 -4.03 13.59
N TYR B 142 -6.34 -4.67 14.51
CA TYR B 142 -6.97 -3.96 15.62
C TYR B 142 -5.94 -3.08 16.30
N ARG B 143 -4.80 -3.70 16.61
CA ARG B 143 -3.70 -3.00 17.28
C ARG B 143 -3.14 -1.85 16.48
N ILE B 144 -3.21 -1.93 15.16
CA ILE B 144 -2.71 -0.85 14.31
C ILE B 144 -3.70 0.30 14.38
N GLN B 145 -4.98 0.02 14.19
CA GLN B 145 -5.99 1.06 14.24
C GLN B 145 -5.90 1.72 15.61
N SER B 146 -5.99 0.93 16.67
CA SER B 146 -5.85 1.47 18.01
C SER B 146 -4.77 2.54 18.01
N TYR B 147 -3.53 2.10 17.84
CA TYR B 147 -2.40 2.99 17.85
C TYR B 147 -2.55 4.19 16.92
N THR B 148 -2.96 3.94 15.67
CA THR B 148 -3.12 5.02 14.69
C THR B 148 -3.85 6.25 15.23
N SER B 149 -4.79 6.06 16.14
CA SER B 149 -5.55 7.18 16.70
C SER B 149 -4.66 8.16 17.45
N LYS B 150 -4.00 7.67 18.48
CA LYS B 150 -3.12 8.49 19.32
C LYS B 150 -2.29 9.52 18.53
N LEU B 151 -2.37 10.77 18.99
CA LEU B 151 -1.69 11.92 18.38
C LEU B 151 -0.40 11.56 17.64
#